data_6ANZ
#
_entry.id   6ANZ
#
_cell.length_a   49.930
_cell.length_b   74.400
_cell.length_c   78.560
_cell.angle_alpha   90.000
_cell.angle_beta   90.000
_cell.angle_gamma   90.000
#
_symmetry.space_group_name_H-M   'I 2 2 2'
#
loop_
_entity.id
_entity.type
_entity.pdbx_description
1 polymer 'Uncharacterized protein'
2 non-polymer 'SULFATE ION'
3 water water
#
_entity_poly.entity_id   1
_entity_poly.type   'polypeptide(L)'
_entity_poly.pdbx_seq_one_letter_code
;MAHHHHHHMKTSTIVFGGFFITDNGERIQIPILENPNIKEINNFFSVSNFEKKAGVLVFRIIPEPEFGNTELTIYFEKGY
YLPIIQTILEDGDIEVKNLKTENYSGNTMEILGDVYPIEHISKNISIIQDIISEFIMKNKPITIMI
;
_entity_poly.pdbx_strand_id   A
#
loop_
_chem_comp.id
_chem_comp.type
_chem_comp.name
_chem_comp.formula
SO4 non-polymer 'SULFATE ION' 'O4 S -2'
#
# COMPACT_ATOMS: atom_id res chain seq x y z
N HIS A 3 -21.69 2.60 -20.45
CA HIS A 3 -20.26 2.43 -20.22
C HIS A 3 -19.97 1.14 -19.44
N HIS A 4 -19.56 0.09 -20.16
CA HIS A 4 -19.57 -1.28 -19.64
C HIS A 4 -18.15 -1.83 -19.50
N HIS A 5 -17.60 -1.73 -18.28
CA HIS A 5 -16.36 -2.39 -17.94
C HIS A 5 -16.67 -3.78 -17.37
N HIS A 6 -16.03 -4.81 -17.92
CA HIS A 6 -16.10 -6.16 -17.37
C HIS A 6 -14.69 -6.58 -16.98
N HIS A 7 -14.48 -6.83 -15.68
CA HIS A 7 -13.18 -7.24 -15.15
C HIS A 7 -13.04 -8.75 -15.21
N HIS A 8 -11.83 -9.20 -15.58
CA HIS A 8 -11.50 -10.62 -15.57
C HIS A 8 -10.39 -10.84 -14.55
N MET A 9 -10.72 -11.53 -13.46
CA MET A 9 -9.75 -11.72 -12.38
C MET A 9 -8.57 -12.57 -12.83
N LYS A 10 -8.84 -13.62 -13.63
CA LYS A 10 -7.80 -14.58 -13.99
C LYS A 10 -6.61 -13.95 -14.69
N THR A 11 -6.84 -12.89 -15.46
CA THR A 11 -5.78 -12.26 -16.25
C THR A 11 -5.21 -11.03 -15.57
N SER A 12 -5.65 -10.72 -14.36
CA SER A 12 -5.16 -9.59 -13.59
C SER A 12 -4.09 -10.04 -12.61
N THR A 13 -3.43 -9.06 -12.01
CA THR A 13 -2.35 -9.36 -11.10
C THR A 13 -2.20 -8.20 -10.13
N ILE A 14 -1.56 -8.49 -8.99
CA ILE A 14 -1.06 -7.44 -8.08
C ILE A 14 0.34 -7.05 -8.50
N VAL A 15 0.59 -5.75 -8.63
CA VAL A 15 1.92 -5.30 -8.98
C VAL A 15 2.40 -4.43 -7.86
N PHE A 16 3.58 -4.77 -7.30
CA PHE A 16 4.23 -3.99 -6.25
C PHE A 16 5.32 -3.12 -6.85
N GLY A 17 5.38 -1.87 -6.38
CA GLY A 17 6.42 -0.99 -6.82
C GLY A 17 6.41 0.25 -5.96
N GLY A 18 7.01 1.31 -6.50
CA GLY A 18 7.07 2.54 -5.74
C GLY A 18 8.47 3.13 -5.86
N PHE A 19 8.81 3.99 -4.89
CA PHE A 19 10.13 4.61 -4.99
C PHE A 19 10.55 5.13 -3.61
N PHE A 20 11.85 5.23 -3.43
CA PHE A 20 12.42 5.93 -2.30
C PHE A 20 12.73 7.37 -2.69
N ILE A 21 12.72 8.24 -1.70
CA ILE A 21 13.13 9.64 -1.88
C ILE A 21 14.32 9.88 -0.97
N THR A 22 15.45 10.26 -1.55
CA THR A 22 16.63 10.51 -0.74
C THR A 22 16.59 11.89 -0.09
N ASP A 23 17.51 12.08 0.86
CA ASP A 23 17.59 13.35 1.55
C ASP A 23 17.86 14.50 0.59
N ASN A 24 18.57 14.26 -0.52
CA ASN A 24 18.83 15.32 -1.48
C ASN A 24 17.80 15.34 -2.63
N GLY A 25 16.72 14.56 -2.54
CA GLY A 25 15.61 14.68 -3.45
C GLY A 25 15.62 13.73 -4.63
N GLU A 26 16.50 12.74 -4.65
CA GLU A 26 16.44 11.78 -5.73
C GLU A 26 15.27 10.84 -5.48
N ARG A 27 14.56 10.49 -6.55
CA ARG A 27 13.51 9.48 -6.48
C ARG A 27 14.07 8.20 -7.11
N ILE A 28 14.18 7.15 -6.31
CA ILE A 28 14.83 5.91 -6.71
C ILE A 28 13.77 4.82 -6.82
N GLN A 29 13.62 4.27 -8.02
CA GLN A 29 12.55 3.28 -8.21
C GLN A 29 12.78 2.01 -7.40
N ILE A 30 11.70 1.47 -6.85
CA ILE A 30 11.69 0.13 -6.26
C ILE A 30 11.43 -0.88 -7.36
N PRO A 31 12.25 -1.93 -7.53
CA PRO A 31 12.01 -2.90 -8.59
C PRO A 31 10.60 -3.50 -8.52
N ILE A 32 9.98 -3.60 -9.69
CA ILE A 32 8.61 -4.06 -9.78
C ILE A 32 8.55 -5.53 -9.42
N LEU A 33 7.50 -5.92 -8.73
CA LEU A 33 7.29 -7.32 -8.41
C LEU A 33 5.86 -7.67 -8.78
N GLU A 34 5.69 -8.62 -9.67
CA GLU A 34 4.37 -9.09 -10.05
CA GLU A 34 4.35 -9.06 -10.03
C GLU A 34 3.98 -10.21 -9.11
N ASN A 35 2.73 -10.19 -8.64
CA ASN A 35 2.24 -11.22 -7.73
C ASN A 35 3.18 -11.42 -6.55
N PRO A 36 3.50 -10.36 -5.80
CA PRO A 36 4.40 -10.52 -4.65
C PRO A 36 3.86 -11.52 -3.65
N ASN A 37 4.76 -12.31 -3.07
CA ASN A 37 4.41 -13.14 -1.94
C ASN A 37 5.01 -12.54 -0.68
N ILE A 38 4.59 -13.14 0.44
CA ILE A 38 4.93 -12.59 1.74
C ILE A 38 6.43 -12.68 1.99
N LYS A 39 7.05 -13.77 1.56
CA LYS A 39 8.50 -13.88 1.73
C LYS A 39 9.22 -12.72 1.02
N GLU A 40 8.79 -12.41 -0.20
CA GLU A 40 9.46 -11.35 -0.96
C GLU A 40 9.31 -10.02 -0.26
N ILE A 41 8.14 -9.77 0.32
CA ILE A 41 7.89 -8.51 0.99
C ILE A 41 8.66 -8.46 2.31
N ASN A 42 8.67 -9.57 3.08
CA ASN A 42 9.55 -9.71 4.24
C ASN A 42 11.00 -9.38 3.89
N ASN A 43 11.47 -9.93 2.76
CA ASN A 43 12.85 -9.68 2.32
C ASN A 43 13.09 -8.20 2.06
N PHE A 44 12.12 -7.54 1.37
CA PHE A 44 12.22 -6.12 1.09
C PHE A 44 12.35 -5.29 2.38
N PHE A 45 11.52 -5.56 3.40
CA PHE A 45 11.63 -4.80 4.64
C PHE A 45 12.94 -5.13 5.37
N SER A 46 13.45 -6.35 5.21
CA SER A 46 14.66 -6.79 5.89
C SER A 46 15.93 -6.13 5.34
N VAL A 47 15.93 -5.73 4.07
CA VAL A 47 17.15 -5.27 3.42
C VAL A 47 17.12 -3.79 3.12
N SER A 48 16.02 -3.11 3.42
CA SER A 48 15.85 -1.69 3.13
C SER A 48 16.24 -0.78 4.27
N ASN A 49 16.51 -1.32 5.46
CA ASN A 49 16.70 -0.53 6.68
CA ASN A 49 16.70 -0.52 6.68
C ASN A 49 15.67 0.61 6.71
N PHE A 50 14.41 0.19 6.67
CA PHE A 50 13.29 1.03 6.29
C PHE A 50 13.14 2.28 7.15
N GLU A 51 13.53 2.24 8.41
CA GLU A 51 13.15 3.29 9.34
C GLU A 51 13.89 4.58 9.09
N LYS A 52 14.93 4.55 8.27
CA LYS A 52 15.67 5.75 7.93
C LYS A 52 15.28 6.27 6.55
N LYS A 53 14.41 5.57 5.84
CA LYS A 53 14.14 5.92 4.46
C LYS A 53 12.79 6.62 4.34
N ALA A 54 12.51 7.12 3.14
CA ALA A 54 11.26 7.82 2.85
C ALA A 54 10.82 7.41 1.47
N GLY A 55 9.53 7.53 1.20
CA GLY A 55 9.07 7.17 -0.15
C GLY A 55 7.61 6.71 -0.15
N VAL A 56 7.30 5.96 -1.19
CA VAL A 56 5.94 5.46 -1.36
CA VAL A 56 5.92 5.48 -1.45
C VAL A 56 5.99 4.03 -1.87
N LEU A 57 5.19 3.18 -1.23
CA LEU A 57 4.98 1.81 -1.71
C LEU A 57 3.60 1.74 -2.34
N VAL A 58 3.48 0.97 -3.43
CA VAL A 58 2.19 0.78 -4.05
CA VAL A 58 2.21 0.80 -4.12
C VAL A 58 1.98 -0.68 -4.38
N PHE A 59 0.82 -1.19 -4.02
CA PHE A 59 0.37 -2.53 -4.43
C PHE A 59 -0.91 -2.29 -5.21
N ARG A 60 -0.87 -2.49 -6.54
CA ARG A 60 -2.02 -2.14 -7.37
C ARG A 60 -2.50 -3.34 -8.16
N ILE A 61 -3.82 -3.50 -8.25
CA ILE A 61 -4.39 -4.59 -9.06
C ILE A 61 -4.53 -4.09 -10.50
N ILE A 62 -3.92 -4.80 -11.44
CA ILE A 62 -3.90 -4.40 -12.85
CA ILE A 62 -3.92 -4.39 -12.84
C ILE A 62 -4.41 -5.54 -13.71
N PRO A 63 -5.41 -5.30 -14.61
CA PRO A 63 -6.12 -4.02 -14.67
C PRO A 63 -7.08 -3.87 -13.49
N GLU A 64 -7.48 -2.65 -13.23
CA GLU A 64 -8.27 -2.36 -12.04
C GLU A 64 -9.58 -3.16 -12.07
N PRO A 65 -10.00 -3.75 -10.95
CA PRO A 65 -11.28 -4.45 -10.92
C PRO A 65 -12.45 -3.48 -11.01
N GLU A 66 -13.63 -4.05 -11.28
CA GLU A 66 -14.84 -3.24 -11.28
CA GLU A 66 -14.83 -3.21 -11.29
C GLU A 66 -15.36 -3.00 -9.87
N PHE A 67 -15.10 -3.93 -8.97
CA PHE A 67 -15.54 -3.82 -7.60
C PHE A 67 -14.44 -4.32 -6.70
N GLY A 68 -14.38 -3.77 -5.51
CA GLY A 68 -13.41 -4.19 -4.50
C GLY A 68 -12.15 -3.36 -4.52
N ASN A 69 -11.14 -3.90 -3.83
CA ASN A 69 -9.92 -3.13 -3.61
C ASN A 69 -9.21 -2.89 -4.92
N THR A 70 -8.69 -1.68 -5.10
CA THR A 70 -7.89 -1.40 -6.28
C THR A 70 -6.42 -1.17 -5.98
N GLU A 71 -6.08 -0.65 -4.81
CA GLU A 71 -4.70 -0.29 -4.52
CA GLU A 71 -4.72 -0.24 -4.53
C GLU A 71 -4.50 -0.13 -3.03
N LEU A 72 -3.34 -0.52 -2.58
CA LEU A 72 -2.83 -0.22 -1.25
C LEU A 72 -1.60 0.67 -1.45
N THR A 73 -1.64 1.89 -0.91
CA THR A 73 -0.52 2.83 -1.02
C THR A 73 0.01 3.04 0.39
N ILE A 74 1.31 3.03 0.55
CA ILE A 74 1.89 3.36 1.85
C ILE A 74 2.89 4.48 1.65
N TYR A 75 2.60 5.67 2.22
CA TYR A 75 3.58 6.72 2.26
C TYR A 75 4.41 6.51 3.51
N PHE A 76 5.72 6.71 3.43
CA PHE A 76 6.55 6.53 4.62
C PHE A 76 7.64 7.58 4.68
N GLU A 77 7.96 7.98 5.93
CA GLU A 77 9.05 8.92 6.11
C GLU A 77 9.65 8.71 7.49
N LYS A 78 10.89 8.22 7.51
CA LYS A 78 11.70 8.14 8.73
CA LYS A 78 11.70 8.14 8.73
C LYS A 78 10.95 7.46 9.87
N GLY A 79 10.37 6.29 9.56
CA GLY A 79 9.74 5.42 10.54
C GLY A 79 8.29 5.71 10.83
N TYR A 80 7.69 6.63 10.10
CA TYR A 80 6.26 6.92 10.17
C TYR A 80 5.62 6.41 8.90
N TYR A 81 4.53 5.67 9.04
CA TYR A 81 3.93 4.97 7.90
C TYR A 81 2.46 5.33 7.78
N LEU A 82 2.01 5.61 6.54
CA LEU A 82 0.65 6.05 6.32
CA LEU A 82 0.64 6.05 6.33
C LEU A 82 0.03 5.14 5.28
N PRO A 83 -0.75 4.14 5.69
CA PRO A 83 -1.37 3.23 4.73
C PRO A 83 -2.75 3.70 4.30
N ILE A 84 -3.02 3.52 3.01
CA ILE A 84 -4.28 3.96 2.40
C ILE A 84 -4.74 2.89 1.42
N ILE A 85 -5.99 2.45 1.56
CA ILE A 85 -6.56 1.51 0.58
C ILE A 85 -7.63 2.21 -0.22
N GLN A 86 -7.58 2.08 -1.54
CA GLN A 86 -8.66 2.58 -2.39
C GLN A 86 -9.51 1.38 -2.79
N THR A 87 -10.83 1.54 -2.73
CA THR A 87 -11.73 0.42 -3.02
C THR A 87 -12.97 0.95 -3.73
N ILE A 88 -13.61 0.07 -4.49
CA ILE A 88 -14.82 0.40 -5.24
C ILE A 88 -15.96 -0.36 -4.59
N LEU A 89 -16.95 0.38 -4.09
CA LEU A 89 -18.08 -0.22 -3.40
C LEU A 89 -19.07 -0.79 -4.40
N GLU A 90 -20.04 -1.53 -3.86
CA GLU A 90 -21.04 -2.20 -4.67
C GLU A 90 -21.79 -1.22 -5.59
N ASP A 91 -22.02 0.01 -5.13
CA ASP A 91 -22.71 1.01 -5.96
C ASP A 91 -21.79 1.70 -6.95
N GLY A 92 -20.51 1.32 -7.01
CA GLY A 92 -19.57 1.91 -7.95
C GLY A 92 -18.77 3.07 -7.39
N ASP A 93 -19.15 3.59 -6.22
CA ASP A 93 -18.43 4.72 -5.63
C ASP A 93 -17.03 4.30 -5.24
N ILE A 94 -16.08 5.20 -5.43
CA ILE A 94 -14.69 4.99 -5.04
C ILE A 94 -14.49 5.54 -3.65
N GLU A 95 -13.93 4.73 -2.76
CA GLU A 95 -13.72 5.15 -1.38
C GLU A 95 -12.29 4.88 -0.94
N VAL A 96 -11.85 5.64 0.04
CA VAL A 96 -10.52 5.47 0.60
C VAL A 96 -10.63 4.98 2.04
N LYS A 97 -9.83 4.00 2.41
CA LYS A 97 -9.83 3.52 3.78
C LYS A 97 -8.47 3.84 4.40
N ASN A 98 -8.51 4.26 5.67
CA ASN A 98 -7.33 4.53 6.49
C ASN A 98 -7.36 3.64 7.73
N LEU A 99 -6.31 3.73 8.53
CA LEU A 99 -6.31 3.09 9.84
C LEU A 99 -7.60 3.43 10.57
N LYS A 100 -8.22 2.42 11.19
CA LYS A 100 -9.47 2.61 11.90
C LYS A 100 -9.29 3.64 13.01
N THR A 101 -10.19 4.62 13.07
CA THR A 101 -10.06 5.72 14.03
C THR A 101 -11.40 5.93 14.73
N GLU A 102 -11.39 5.83 16.06
CA GLU A 102 -12.57 6.09 16.88
C GLU A 102 -12.90 7.58 16.91
N ASN A 103 -11.92 8.37 17.28
CA ASN A 103 -12.06 9.80 17.47
C ASN A 103 -10.83 10.45 16.88
N TYR A 104 -10.99 11.65 16.33
CA TYR A 104 -9.86 12.45 15.86
C TYR A 104 -9.47 13.48 16.91
N SER A 105 -8.18 13.54 17.21
CA SER A 105 -7.69 14.42 18.24
C SER A 105 -7.48 15.84 17.72
N GLY A 106 -7.26 16.00 16.42
CA GLY A 106 -6.79 17.25 15.89
C GLY A 106 -5.28 17.34 15.77
N ASN A 107 -4.54 16.41 16.38
CA ASN A 107 -3.10 16.38 16.19
CA ASN A 107 -3.10 16.36 16.19
C ASN A 107 -2.76 15.87 14.80
N THR A 108 -1.71 16.45 14.22
CA THR A 108 -1.29 16.11 12.87
C THR A 108 0.22 15.94 12.80
N MET A 109 0.69 15.40 11.67
CA MET A 109 2.08 15.53 11.33
C MET A 109 2.21 15.49 9.82
N GLU A 110 3.42 15.81 9.38
CA GLU A 110 3.76 15.89 7.98
C GLU A 110 4.37 14.57 7.54
N ILE A 111 3.94 14.08 6.38
CA ILE A 111 4.53 12.94 5.71
C ILE A 111 4.70 13.35 4.26
N LEU A 112 5.95 13.34 3.76
CA LEU A 112 6.24 13.69 2.36
C LEU A 112 5.71 15.09 2.03
N GLY A 113 5.67 15.96 3.03
CA GLY A 113 5.32 17.35 2.80
C GLY A 113 3.86 17.67 2.99
N ASP A 114 2.99 16.68 3.05
CA ASP A 114 1.56 16.92 3.27
C ASP A 114 1.24 16.65 4.74
N VAL A 115 0.11 17.19 5.18
CA VAL A 115 -0.27 17.13 6.61
C VAL A 115 -1.44 16.16 6.77
N TYR A 116 -1.31 15.20 7.71
CA TYR A 116 -2.29 14.14 7.94
C TYR A 116 -2.60 14.02 9.42
N PRO A 117 -3.78 13.52 9.77
CA PRO A 117 -4.08 13.29 11.19
C PRO A 117 -3.22 12.15 11.73
N ILE A 118 -2.73 12.30 12.97
CA ILE A 118 -1.83 11.27 13.47
C ILE A 118 -2.53 9.92 13.64
N GLU A 119 -3.85 9.89 13.77
CA GLU A 119 -4.55 8.61 13.90
C GLU A 119 -4.42 7.75 12.65
N HIS A 120 -4.00 8.34 11.54
CA HIS A 120 -3.85 7.58 10.30
C HIS A 120 -2.43 7.07 10.09
N ILE A 121 -1.53 7.35 11.03
CA ILE A 121 -0.12 7.02 10.91
C ILE A 121 0.28 6.03 12.00
N SER A 122 1.07 5.04 11.62
CA SER A 122 1.65 4.10 12.56
C SER A 122 3.17 4.17 12.49
N LYS A 123 3.84 3.87 13.60
CA LYS A 123 5.29 3.69 13.59
C LYS A 123 5.67 2.22 13.74
N ASN A 124 4.71 1.31 13.55
CA ASN A 124 4.94 -0.10 13.81
C ASN A 124 5.06 -0.84 12.48
N ILE A 125 6.27 -1.26 12.13
CA ILE A 125 6.49 -1.90 10.83
C ILE A 125 5.75 -3.21 10.74
N SER A 126 5.61 -3.90 11.87
CA SER A 126 4.92 -5.18 11.87
CA SER A 126 4.93 -5.19 11.82
C SER A 126 3.46 -5.02 11.47
N ILE A 127 2.82 -3.94 11.92
CA ILE A 127 1.43 -3.68 11.57
C ILE A 127 1.29 -3.42 10.07
N ILE A 128 2.23 -2.65 9.53
CA ILE A 128 2.25 -2.36 8.10
C ILE A 128 2.45 -3.64 7.32
N GLN A 129 3.34 -4.51 7.78
CA GLN A 129 3.50 -5.77 7.05
C GLN A 129 2.24 -6.60 7.12
N ASP A 130 1.53 -6.58 8.25
CA ASP A 130 0.29 -7.34 8.35
C ASP A 130 -0.76 -6.77 7.40
N ILE A 131 -0.84 -5.44 7.27
CA ILE A 131 -1.79 -4.84 6.34
C ILE A 131 -1.50 -5.29 4.91
N ILE A 132 -0.22 -5.31 4.54
CA ILE A 132 0.18 -5.77 3.22
C ILE A 132 -0.22 -7.26 3.03
N SER A 133 0.06 -8.10 4.05
CA SER A 133 -0.29 -9.51 3.93
CA SER A 133 -0.28 -9.52 3.95
C SER A 133 -1.79 -9.71 3.76
N GLU A 134 -2.59 -9.02 4.56
CA GLU A 134 -4.03 -9.09 4.42
C GLU A 134 -4.46 -8.65 3.02
N PHE A 135 -3.86 -7.58 2.50
CA PHE A 135 -4.23 -7.07 1.18
C PHE A 135 -3.91 -8.10 0.10
N ILE A 136 -2.75 -8.74 0.21
CA ILE A 136 -2.39 -9.79 -0.75
C ILE A 136 -3.31 -10.98 -0.63
N MET A 137 -3.60 -11.43 0.60
CA MET A 137 -4.49 -12.59 0.76
C MET A 137 -5.89 -12.28 0.19
N LYS A 138 -6.36 -11.03 0.32
CA LYS A 138 -7.70 -10.67 -0.12
C LYS A 138 -7.78 -10.55 -1.64
N ASN A 139 -6.69 -10.08 -2.28
CA ASN A 139 -6.80 -9.62 -3.68
C ASN A 139 -5.95 -10.37 -4.68
N LYS A 140 -5.10 -11.27 -4.23
CA LYS A 140 -4.26 -12.04 -5.13
C LYS A 140 -5.14 -12.99 -5.94
N PRO A 141 -5.13 -12.91 -7.25
CA PRO A 141 -5.84 -13.91 -8.06
C PRO A 141 -4.98 -15.15 -8.26
N ILE A 142 -5.23 -16.17 -7.45
CA ILE A 142 -4.51 -17.43 -7.48
C ILE A 142 -5.51 -18.54 -7.39
N THR A 143 -5.99 -19.03 -8.53
CA THR A 143 -6.84 -20.21 -8.55
C THR A 143 -6.04 -21.50 -8.58
N ILE A 144 -4.77 -21.42 -8.97
CA ILE A 144 -3.94 -22.61 -9.16
C ILE A 144 -3.73 -23.32 -7.82
N MET A 145 -4.06 -24.61 -7.79
CA MET A 145 -3.71 -25.54 -6.74
C MET A 145 -2.58 -26.41 -7.24
N ILE A 146 -1.50 -26.53 -6.46
CA ILE A 146 -0.35 -27.34 -6.85
C ILE A 146 -0.04 -28.36 -5.78
S SO4 B . 21.32 11.62 -1.80
O1 SO4 B . 20.63 12.13 -0.60
O2 SO4 B . 20.52 11.97 -2.97
O3 SO4 B . 21.57 10.20 -1.62
O4 SO4 B . 22.61 12.32 -1.90
S SO4 C . -12.56 -14.28 -14.59
O1 SO4 C . -12.96 -13.28 -13.60
O2 SO4 C . -13.40 -14.08 -15.78
O3 SO4 C . -11.14 -14.18 -14.93
O4 SO4 C . -12.84 -15.62 -14.07
#